data_3LXD
#
_entry.id   3LXD
#
_cell.length_a   140.071
_cell.length_b   140.071
_cell.length_c   52.217
_cell.angle_alpha   90.00
_cell.angle_beta   90.00
_cell.angle_gamma   90.00
#
_symmetry.space_group_name_H-M   'P 43 21 2'
#
loop_
_entity.id
_entity.type
_entity.pdbx_description
1 polymer 'FAD-dependent pyridine nucleotide-disulphide oxidoreductase'
2 non-polymer 'FLAVIN-ADENINE DINUCLEOTIDE'
3 water water
#
_entity_poly.entity_id   1
_entity_poly.type   'polypeptide(L)'
_entity_poly.pdbx_seq_one_letter_code
;MASEVQAERADVVIVGAGHGGAQAAIALRQNGFEGRVLVIGREPEIPYERPPLSKEYLAREKTFERICIRPAQFWEDKAV
EMKLGAEVVSLDPAAHTVKLGDGSAIEYGKLIWATGGDPRRLSCVGADLAGVHAVRTKEDADRLMAELDAGAKNAVVIGG
GYIGLEAAAVLTKFGVNVTLLEALPRVLARVAGEALSEFYQAEHRAHGVDLRTGAAMDCIEGDGTKVTGVRMQDGSVIPA
DIVIVGIGIVPCVGALISAGASGGNGVDVDEFCRTSLTDVYAIGDCAAHANDFADGAVIRLESVQNANDMATAAAKDICG
APVPYKATPWFWSNQYDLKLQTVGLSTGHDNAVLRGDPATRSFSVVYLKGGKVVALDCVNMVKDYVQGKKLVEARAQIAP
EQLADAGVPLKEMLA
;
_entity_poly.pdbx_strand_id   A
#
# COMPACT_ATOMS: atom_id res chain seq x y z
N ALA A 7 -30.97 -12.73 -15.38
CA ALA A 7 -29.60 -12.65 -14.78
C ALA A 7 -29.16 -11.20 -14.63
N GLU A 8 -28.70 -10.85 -13.42
CA GLU A 8 -28.20 -9.52 -13.14
C GLU A 8 -26.91 -9.29 -13.91
N ARG A 9 -26.85 -8.18 -14.63
CA ARG A 9 -25.72 -7.86 -15.49
C ARG A 9 -25.36 -6.38 -15.49
N ALA A 10 -24.06 -6.10 -15.51
CA ALA A 10 -23.57 -4.74 -15.61
C ALA A 10 -22.58 -4.61 -16.77
N ASP A 11 -22.51 -3.42 -17.34
CA ASP A 11 -21.59 -3.15 -18.45
C ASP A 11 -20.14 -3.22 -17.98
N VAL A 12 -19.90 -2.71 -16.78
CA VAL A 12 -18.61 -2.86 -16.11
C VAL A 12 -18.85 -3.33 -14.67
N VAL A 13 -18.15 -4.39 -14.28
CA VAL A 13 -18.19 -4.86 -12.91
C VAL A 13 -16.80 -4.64 -12.28
N ILE A 14 -16.79 -3.91 -11.17
CA ILE A 14 -15.57 -3.64 -10.42
C ILE A 14 -15.62 -4.48 -9.17
N VAL A 15 -14.61 -5.33 -8.97
CA VAL A 15 -14.54 -6.15 -7.76
C VAL A 15 -13.45 -5.62 -6.84
N GLY A 16 -13.88 -5.20 -5.65
CA GLY A 16 -13.05 -4.47 -4.71
C GLY A 16 -13.47 -3.01 -4.67
N ALA A 17 -13.72 -2.50 -3.47
CA ALA A 17 -14.19 -1.14 -3.29
C ALA A 17 -13.21 -0.30 -2.47
N GLY A 18 -11.92 -0.51 -2.73
CA GLY A 18 -10.85 0.28 -2.12
C GLY A 18 -10.46 1.41 -3.05
N HIS A 19 -9.18 1.77 -3.01
CA HIS A 19 -8.66 2.86 -3.84
C HIS A 19 -8.83 2.58 -5.32
N GLY A 20 -8.42 1.39 -5.75
CA GLY A 20 -8.52 1.00 -7.16
C GLY A 20 -9.94 1.04 -7.64
N GLY A 21 -10.82 0.35 -6.92
CA GLY A 21 -12.24 0.28 -7.23
C GLY A 21 -12.94 1.62 -7.33
N ALA A 22 -12.84 2.42 -6.27
CA ALA A 22 -13.44 3.75 -6.24
C ALA A 22 -12.94 4.62 -7.38
N GLN A 23 -11.61 4.71 -7.51
CA GLN A 23 -11.02 5.53 -8.57
C GLN A 23 -11.38 5.02 -9.95
N ALA A 24 -11.53 3.70 -10.08
CA ALA A 24 -11.94 3.10 -11.35
C ALA A 24 -13.33 3.56 -11.77
N ALA A 25 -14.24 3.60 -10.80
CA ALA A 25 -15.61 4.06 -11.03
C ALA A 25 -15.66 5.55 -11.35
N ILE A 26 -14.88 6.33 -10.61
CA ILE A 26 -14.76 7.78 -10.85
C ILE A 26 -14.22 8.05 -12.24
N ALA A 27 -13.15 7.35 -12.60
CA ALA A 27 -12.47 7.53 -13.89
C ALA A 27 -13.39 7.22 -15.06
N LEU A 28 -14.08 6.07 -14.97
CA LEU A 28 -15.11 5.68 -15.93
C LEU A 28 -16.02 6.86 -16.29
N ARG A 29 -16.74 7.37 -15.30
CA ARG A 29 -17.70 8.46 -15.50
C ARG A 29 -17.04 9.74 -16.00
N GLN A 30 -15.91 10.13 -15.39
CA GLN A 30 -15.16 11.31 -15.82
C GLN A 30 -14.74 11.28 -17.29
N ASN A 31 -14.61 10.08 -17.85
CA ASN A 31 -14.27 9.93 -19.26
C ASN A 31 -15.47 9.59 -20.15
N GLY A 32 -16.67 9.76 -19.58
CA GLY A 32 -17.91 9.71 -20.35
C GLY A 32 -18.60 8.36 -20.52
N PHE A 33 -18.19 7.36 -19.74
CA PHE A 33 -18.82 6.03 -19.78
C PHE A 33 -20.27 6.13 -19.30
N GLU A 34 -21.19 5.51 -20.04
CA GLU A 34 -22.63 5.64 -19.73
C GLU A 34 -23.33 4.35 -19.33
N GLY A 35 -22.73 3.21 -19.62
CA GLY A 35 -23.29 1.92 -19.22
C GLY A 35 -23.43 1.76 -17.71
N ARG A 36 -24.01 0.64 -17.29
CA ARG A 36 -24.16 0.32 -15.87
C ARG A 36 -22.81 -0.02 -15.24
N VAL A 37 -22.54 0.59 -14.09
CA VAL A 37 -21.30 0.34 -13.35
C VAL A 37 -21.64 -0.20 -11.97
N LEU A 38 -21.12 -1.39 -11.67
CA LEU A 38 -21.38 -2.07 -10.41
C LEU A 38 -20.07 -2.41 -9.70
N VAL A 39 -19.98 -2.04 -8.43
CA VAL A 39 -18.82 -2.44 -7.64
C VAL A 39 -19.22 -3.34 -6.47
N ILE A 40 -18.54 -4.48 -6.39
CA ILE A 40 -18.73 -5.48 -5.35
C ILE A 40 -17.53 -5.42 -4.39
N GLY A 41 -17.78 -5.07 -3.14
CA GLY A 41 -16.74 -4.96 -2.12
C GLY A 41 -17.08 -5.76 -0.89
N ARG A 42 -16.15 -6.57 -0.40
CA ARG A 42 -16.43 -7.46 0.74
C ARG A 42 -16.59 -6.74 2.08
N GLU A 43 -16.14 -5.49 2.15
CA GLU A 43 -16.28 -4.69 3.37
C GLU A 43 -17.61 -3.93 3.35
N PRO A 44 -18.21 -3.72 4.53
CA PRO A 44 -19.55 -3.12 4.60
C PRO A 44 -19.65 -1.62 4.31
N GLU A 45 -18.58 -0.87 4.53
CA GLU A 45 -18.64 0.59 4.35
C GLU A 45 -18.29 1.03 2.93
N ILE A 46 -18.77 2.21 2.54
CA ILE A 46 -18.44 2.83 1.25
C ILE A 46 -16.93 3.07 1.15
N PRO A 47 -16.38 3.21 -0.09
CA PRO A 47 -14.95 3.41 -0.26
C PRO A 47 -14.35 4.45 0.69
N TYR A 48 -13.30 4.04 1.40
CA TYR A 48 -12.59 4.91 2.32
C TYR A 48 -11.09 4.74 2.12
N GLU A 49 -10.33 5.75 2.54
CA GLU A 49 -8.88 5.77 2.36
C GLU A 49 -8.18 4.85 3.36
N ARG A 50 -7.14 4.16 2.88
CA ARG A 50 -6.39 3.21 3.71
C ARG A 50 -5.19 3.81 4.45
N PRO A 51 -4.45 4.76 3.83
CA PRO A 51 -3.32 5.36 4.56
C PRO A 51 -3.62 5.90 5.96
N PRO A 52 -4.85 6.42 6.20
CA PRO A 52 -5.20 6.87 7.55
C PRO A 52 -5.22 5.75 8.60
N LEU A 53 -5.38 4.50 8.18
CA LEU A 53 -5.51 3.39 9.12
C LEU A 53 -4.29 3.16 10.02
N SER A 54 -3.13 3.65 9.59
CA SER A 54 -1.91 3.61 10.40
C SER A 54 -1.44 5.03 10.73
N LYS A 55 -2.31 6.01 10.43
CA LYS A 55 -2.00 7.42 10.68
C LYS A 55 -3.16 8.10 11.40
N GLU A 56 -3.71 9.16 10.81
CA GLU A 56 -4.66 10.05 11.51
C GLU A 56 -5.91 9.35 12.04
N TYR A 57 -6.42 8.34 11.33
CA TYR A 57 -7.59 7.60 11.80
C TYR A 57 -7.28 6.79 13.06
N LEU A 58 -6.20 6.02 13.03
CA LEU A 58 -5.80 5.21 14.18
C LEU A 58 -5.52 6.09 15.38
N ALA A 59 -5.03 7.31 15.12
CA ALA A 59 -4.68 8.27 16.15
C ALA A 59 -5.86 9.18 16.55
N ARG A 60 -7.04 8.91 16.00
CA ARG A 60 -8.26 9.67 16.28
C ARG A 60 -8.13 11.17 16.02
N GLU A 61 -7.58 11.51 14.86
CA GLU A 61 -7.49 12.89 14.41
C GLU A 61 -8.44 13.13 13.23
N LYS A 62 -9.00 12.04 12.68
CA LYS A 62 -9.99 12.10 11.62
C LYS A 62 -11.14 11.14 11.94
N THR A 63 -12.36 11.54 11.62
CA THR A 63 -13.51 10.65 11.70
C THR A 63 -13.55 9.75 10.47
N PHE A 64 -14.48 8.80 10.44
CA PHE A 64 -14.64 7.96 9.26
C PHE A 64 -15.12 8.77 8.05
N GLU A 65 -15.97 9.77 8.30
CA GLU A 65 -16.48 10.65 7.23
C GLU A 65 -15.36 11.38 6.50
N ARG A 66 -14.32 11.77 7.24
CA ARG A 66 -13.20 12.52 6.67
C ARG A 66 -12.14 11.64 6.02
N ILE A 67 -12.36 10.32 6.00
CA ILE A 67 -11.46 9.41 5.29
C ILE A 67 -12.14 8.71 4.12
N CYS A 68 -13.42 9.00 3.90
CA CYS A 68 -14.16 8.46 2.76
C CYS A 68 -13.65 9.05 1.46
N ILE A 69 -13.49 8.21 0.45
CA ILE A 69 -12.96 8.64 -0.86
C ILE A 69 -13.91 9.64 -1.53
N ARG A 70 -15.20 9.35 -1.46
CA ARG A 70 -16.25 10.25 -1.91
C ARG A 70 -17.42 10.14 -0.94
N PRO A 71 -18.21 11.22 -0.78
CA PRO A 71 -19.39 11.14 0.10
C PRO A 71 -20.46 10.23 -0.51
N ALA A 72 -21.33 9.70 0.35
CA ALA A 72 -22.41 8.81 -0.09
C ALA A 72 -23.17 9.32 -1.33
N GLN A 73 -23.54 10.60 -1.31
CA GLN A 73 -24.33 11.20 -2.40
C GLN A 73 -23.63 11.15 -3.75
N PHE A 74 -22.30 11.29 -3.75
CA PHE A 74 -21.51 11.24 -4.98
C PHE A 74 -21.79 10.00 -5.83
N TRP A 75 -21.80 8.82 -5.21
CA TRP A 75 -22.01 7.55 -5.90
C TRP A 75 -23.40 7.47 -6.52
N GLU A 76 -24.39 7.96 -5.77
CA GLU A 76 -25.74 8.19 -6.28
C GLU A 76 -25.71 9.06 -7.54
N ASP A 77 -25.03 10.20 -7.45
CA ASP A 77 -24.95 11.15 -8.56
C ASP A 77 -24.28 10.55 -9.80
N LYS A 78 -23.23 9.76 -9.58
CA LYS A 78 -22.45 9.19 -10.68
C LYS A 78 -22.95 7.83 -11.17
N ALA A 79 -24.11 7.41 -10.64
CA ALA A 79 -24.75 6.15 -11.02
C ALA A 79 -23.81 4.96 -10.86
N VAL A 80 -23.05 4.99 -9.75
CA VAL A 80 -22.17 3.89 -9.39
C VAL A 80 -22.91 3.03 -8.37
N GLU A 81 -23.32 1.84 -8.82
CA GLU A 81 -24.03 0.91 -7.96
C GLU A 81 -23.05 0.09 -7.14
N MET A 82 -23.42 -0.21 -5.90
CA MET A 82 -22.53 -0.90 -4.99
C MET A 82 -23.18 -2.04 -4.23
N LYS A 83 -22.55 -3.22 -4.31
CA LYS A 83 -22.91 -4.36 -3.48
C LYS A 83 -21.84 -4.56 -2.42
N LEU A 84 -22.06 -3.96 -1.27
CA LEU A 84 -21.09 -4.00 -0.18
C LEU A 84 -21.33 -5.22 0.69
N GLY A 85 -20.29 -5.65 1.40
CA GLY A 85 -20.35 -6.85 2.22
C GLY A 85 -20.61 -8.09 1.38
N ALA A 86 -20.11 -8.06 0.15
CA ALA A 86 -20.26 -9.16 -0.79
C ALA A 86 -18.94 -9.35 -1.51
N GLU A 87 -18.55 -10.60 -1.71
CA GLU A 87 -17.29 -10.87 -2.41
C GLU A 87 -17.46 -11.80 -3.60
N VAL A 88 -16.65 -11.57 -4.62
CA VAL A 88 -16.58 -12.45 -5.77
C VAL A 88 -15.75 -13.66 -5.37
N VAL A 89 -16.30 -14.85 -5.57
CA VAL A 89 -15.67 -16.08 -5.11
C VAL A 89 -14.99 -16.82 -6.27
N SER A 90 -15.48 -16.61 -7.48
CA SER A 90 -14.90 -17.20 -8.69
C SER A 90 -15.45 -16.49 -9.92
N LEU A 91 -14.87 -16.77 -11.07
CA LEU A 91 -15.34 -16.19 -12.33
C LEU A 91 -15.16 -17.14 -13.51
N ASP A 92 -16.04 -17.01 -14.49
CA ASP A 92 -15.94 -17.74 -15.73
C ASP A 92 -15.69 -16.72 -16.84
N PRO A 93 -14.41 -16.60 -17.28
CA PRO A 93 -14.04 -15.58 -18.27
C PRO A 93 -14.70 -15.80 -19.63
N ALA A 94 -15.02 -17.04 -19.95
CA ALA A 94 -15.69 -17.38 -21.21
C ALA A 94 -17.14 -16.88 -21.21
N ALA A 95 -17.90 -17.32 -20.21
CA ALA A 95 -19.29 -16.90 -20.05
C ALA A 95 -19.43 -15.43 -19.62
N HIS A 96 -18.29 -14.76 -19.41
CA HIS A 96 -18.25 -13.39 -18.89
C HIS A 96 -19.10 -13.26 -17.64
N THR A 97 -18.80 -14.11 -16.67
CA THR A 97 -19.64 -14.25 -15.50
C THR A 97 -18.80 -14.27 -14.22
N VAL A 98 -19.38 -13.72 -13.16
CA VAL A 98 -18.76 -13.67 -11.85
C VAL A 98 -19.70 -14.33 -10.84
N LYS A 99 -19.15 -15.18 -9.99
CA LYS A 99 -19.94 -15.85 -8.97
C LYS A 99 -19.62 -15.28 -7.60
N LEU A 100 -20.67 -14.96 -6.84
CA LEU A 100 -20.54 -14.31 -5.54
C LEU A 100 -20.52 -15.32 -4.38
N GLY A 101 -20.20 -14.82 -3.19
CA GLY A 101 -20.10 -15.65 -1.99
C GLY A 101 -21.40 -16.28 -1.52
N ASP A 102 -22.52 -15.76 -2.00
CA ASP A 102 -23.83 -16.31 -1.66
C ASP A 102 -24.38 -17.22 -2.77
N GLY A 103 -23.54 -17.51 -3.76
CA GLY A 103 -23.93 -18.38 -4.86
C GLY A 103 -24.45 -17.69 -6.09
N SER A 104 -24.94 -16.46 -5.93
CA SER A 104 -25.51 -15.71 -7.05
C SER A 104 -24.47 -15.35 -8.10
N ALA A 105 -24.92 -15.16 -9.34
CA ALA A 105 -24.03 -14.87 -10.44
C ALA A 105 -24.39 -13.53 -11.09
N ILE A 106 -23.36 -12.71 -11.33
CA ILE A 106 -23.52 -11.46 -12.06
C ILE A 106 -22.73 -11.55 -13.36
N GLU A 107 -23.32 -11.04 -14.43
CA GLU A 107 -22.72 -11.05 -15.76
C GLU A 107 -22.11 -9.68 -16.08
N TYR A 108 -20.92 -9.70 -16.71
CA TYR A 108 -20.22 -8.46 -17.04
C TYR A 108 -19.89 -8.31 -18.52
N GLY A 109 -19.76 -7.07 -18.97
CA GLY A 109 -19.22 -6.77 -20.30
C GLY A 109 -17.72 -6.65 -20.18
N LYS A 110 -17.27 -5.81 -19.24
CA LYS A 110 -15.87 -5.72 -18.86
C LYS A 110 -15.73 -5.92 -17.35
N LEU A 111 -14.58 -6.45 -16.93
CA LEU A 111 -14.33 -6.69 -15.52
C LEU A 111 -13.05 -6.00 -15.04
N ILE A 112 -13.13 -5.34 -13.87
CA ILE A 112 -11.95 -4.72 -13.25
C ILE A 112 -11.71 -5.38 -11.88
N TRP A 113 -10.57 -6.04 -11.78
CA TRP A 113 -10.17 -6.74 -10.56
C TRP A 113 -9.30 -5.80 -9.71
N ALA A 114 -9.86 -5.34 -8.58
CA ALA A 114 -9.18 -4.36 -7.73
C ALA A 114 -9.21 -4.82 -6.27
N THR A 115 -8.76 -6.06 -6.05
CA THR A 115 -8.97 -6.76 -4.80
C THR A 115 -7.85 -6.57 -3.77
N GLY A 116 -6.75 -5.93 -4.19
CA GLY A 116 -5.60 -5.71 -3.32
C GLY A 116 -4.95 -6.98 -2.82
N GLY A 117 -4.65 -7.02 -1.53
CA GLY A 117 -4.02 -8.18 -0.92
C GLY A 117 -4.42 -8.43 0.52
N ASP A 118 -4.07 -9.60 1.03
CA ASP A 118 -4.37 -9.96 2.41
C ASP A 118 -3.12 -10.37 3.20
N PRO A 119 -3.12 -10.14 4.52
CA PRO A 119 -1.94 -10.40 5.34
C PRO A 119 -1.67 -11.89 5.54
N ARG A 120 -0.41 -12.21 5.85
CA ARG A 120 -0.01 -13.57 6.16
C ARG A 120 -0.64 -14.02 7.47
N ARG A 121 -1.00 -15.30 7.53
CA ARG A 121 -1.50 -15.92 8.76
C ARG A 121 -0.29 -16.51 9.50
N LEU A 122 -0.06 -16.04 10.72
CA LEU A 122 1.17 -16.38 11.46
C LEU A 122 0.96 -17.03 12.82
N SER A 123 -0.25 -17.56 13.06
CA SER A 123 -0.57 -18.22 14.32
C SER A 123 0.17 -19.55 14.48
N CYS A 124 0.67 -19.81 15.68
CA CYS A 124 1.34 -21.08 15.98
C CYS A 124 0.42 -22.30 15.76
N VAL A 125 -0.85 -22.16 16.11
CA VAL A 125 -1.82 -23.25 15.97
C VAL A 125 -2.86 -22.95 14.88
N GLY A 126 -2.60 -21.94 14.04
CA GLY A 126 -3.34 -21.71 12.80
C GLY A 126 -4.69 -20.99 12.87
N ALA A 127 -5.25 -20.84 14.06
CA ALA A 127 -6.53 -20.15 14.22
C ALA A 127 -6.34 -18.64 14.24
N ASP A 128 -7.42 -17.89 13.97
CA ASP A 128 -7.43 -16.44 14.12
C ASP A 128 -7.36 -16.05 15.59
N LEU A 129 -6.58 -15.01 15.87
CA LEU A 129 -6.42 -14.50 17.23
C LEU A 129 -6.76 -13.01 17.32
N ALA A 130 -7.53 -12.66 18.34
CA ALA A 130 -7.63 -11.27 18.79
C ALA A 130 -6.50 -11.06 19.78
N GLY A 131 -5.92 -9.87 19.88
CA GLY A 131 -6.01 -8.80 18.91
C GLY A 131 -4.71 -8.79 18.14
N VAL A 132 -4.69 -9.54 17.06
CA VAL A 132 -3.63 -9.52 16.07
C VAL A 132 -4.21 -8.70 14.93
N HIS A 133 -3.48 -7.65 14.54
CA HIS A 133 -4.00 -6.68 13.57
C HIS A 133 -3.02 -6.42 12.44
N ALA A 134 -3.54 -6.42 11.22
CA ALA A 134 -2.77 -5.95 10.08
C ALA A 134 -3.10 -4.48 9.78
N VAL A 135 -4.04 -3.92 10.56
CA VAL A 135 -4.64 -2.58 10.35
C VAL A 135 -4.96 -2.24 8.89
N ARG A 136 -5.60 -3.18 8.19
CA ARG A 136 -5.91 -3.04 6.76
C ARG A 136 -7.37 -2.71 6.50
N THR A 137 -8.20 -2.81 7.53
CA THR A 137 -9.60 -2.41 7.44
C THR A 137 -9.95 -1.42 8.55
N LYS A 138 -11.00 -0.62 8.31
CA LYS A 138 -11.55 0.26 9.33
C LYS A 138 -11.98 -0.59 10.53
N GLU A 139 -12.62 -1.72 10.24
CA GLU A 139 -13.10 -2.66 11.23
C GLU A 139 -11.97 -3.07 12.18
N ASP A 140 -10.85 -3.50 11.60
CA ASP A 140 -9.68 -3.95 12.34
C ASP A 140 -9.07 -2.83 13.18
N ALA A 141 -8.93 -1.65 12.59
CA ALA A 141 -8.42 -0.48 13.30
C ALA A 141 -9.28 -0.15 14.52
N ASP A 142 -10.60 -0.21 14.32
CA ASP A 142 -11.57 0.01 15.41
C ASP A 142 -11.41 -0.94 16.58
N ARG A 143 -11.14 -2.22 16.28
CA ARG A 143 -10.90 -3.22 17.32
C ARG A 143 -9.64 -2.88 18.12
N LEU A 144 -8.55 -2.60 17.41
CA LEU A 144 -7.29 -2.19 18.03
C LEU A 144 -7.55 -0.99 18.95
N MET A 145 -8.30 -0.01 18.44
CA MET A 145 -8.64 1.18 19.21
C MET A 145 -9.42 0.84 20.49
N ALA A 146 -10.43 -0.02 20.37
CA ALA A 146 -11.22 -0.51 21.50
C ALA A 146 -10.37 -1.25 22.54
N GLU A 147 -9.46 -2.09 22.06
CA GLU A 147 -8.54 -2.84 22.92
C GLU A 147 -7.57 -1.91 23.66
N LEU A 148 -7.16 -0.84 22.99
CA LEU A 148 -6.30 0.15 23.61
C LEU A 148 -7.06 0.87 24.74
N ASP A 149 -8.27 1.33 24.44
CA ASP A 149 -9.15 1.91 25.46
C ASP A 149 -9.33 0.98 26.65
N ALA A 150 -9.58 -0.29 26.38
CA ALA A 150 -9.78 -1.29 27.44
C ALA A 150 -8.50 -1.69 28.19
N GLY A 151 -7.38 -1.09 27.83
CA GLY A 151 -6.15 -1.22 28.63
C GLY A 151 -5.05 -2.15 28.16
N ALA A 152 -5.14 -2.65 26.93
CA ALA A 152 -4.05 -3.44 26.34
C ALA A 152 -2.80 -2.55 26.24
N LYS A 153 -1.66 -3.06 26.71
CA LYS A 153 -0.48 -2.20 26.89
C LYS A 153 0.86 -2.71 26.35
N ASN A 154 0.91 -3.95 25.86
CA ASN A 154 2.16 -4.49 25.29
C ASN A 154 2.01 -4.92 23.84
N ALA A 155 2.59 -4.14 22.94
CA ALA A 155 2.43 -4.34 21.51
C ALA A 155 3.74 -4.79 20.86
N VAL A 156 3.63 -5.79 20.00
CA VAL A 156 4.76 -6.25 19.19
C VAL A 156 4.44 -6.04 17.72
N VAL A 157 5.25 -5.22 17.06
CA VAL A 157 5.09 -4.96 15.64
C VAL A 157 6.04 -5.85 14.83
N ILE A 158 5.46 -6.62 13.90
CA ILE A 158 6.24 -7.52 13.05
C ILE A 158 6.43 -6.90 11.66
N GLY A 159 7.69 -6.58 11.34
CA GLY A 159 8.03 -5.95 10.07
C GLY A 159 8.43 -4.50 10.23
N GLY A 160 9.53 -4.12 9.60
CA GLY A 160 10.03 -2.74 9.65
C GLY A 160 9.83 -1.98 8.35
N GLY A 161 8.72 -2.27 7.67
CA GLY A 161 8.28 -1.47 6.53
C GLY A 161 7.51 -0.25 7.02
N TYR A 162 7.03 0.56 6.08
CA TYR A 162 6.34 1.81 6.41
C TYR A 162 5.14 1.65 7.32
N ILE A 163 4.29 0.67 7.02
CA ILE A 163 3.10 0.40 7.83
C ILE A 163 3.49 0.08 9.27
N GLY A 164 4.45 -0.85 9.43
CA GLY A 164 4.97 -1.24 10.74
C GLY A 164 5.46 -0.06 11.55
N LEU A 165 6.29 0.78 10.93
CA LEU A 165 6.83 1.97 11.60
C LEU A 165 5.72 2.93 12.00
N GLU A 166 4.83 3.22 11.07
CA GLU A 166 3.70 4.10 11.32
C GLU A 166 2.84 3.59 12.47
N ALA A 167 2.46 2.31 12.41
CA ALA A 167 1.69 1.66 13.47
C ALA A 167 2.40 1.73 14.81
N ALA A 168 3.72 1.51 14.81
CA ALA A 168 4.53 1.62 16.01
C ALA A 168 4.47 3.05 16.55
N ALA A 169 4.60 4.02 15.66
CA ALA A 169 4.61 5.44 16.02
C ALA A 169 3.30 5.91 16.67
N VAL A 170 2.17 5.57 16.06
CA VAL A 170 0.87 5.96 16.62
C VAL A 170 0.58 5.22 17.94
N LEU A 171 1.09 4.00 18.05
CA LEU A 171 0.95 3.20 19.27
C LEU A 171 1.65 3.84 20.48
N THR A 172 2.80 4.46 20.25
CA THR A 172 3.52 5.17 21.33
C THR A 172 2.77 6.41 21.81
N LYS A 173 2.00 7.02 20.91
CA LYS A 173 1.11 8.14 21.28
C LYS A 173 0.03 7.70 22.25
N PHE A 174 -0.36 6.43 22.16
CA PHE A 174 -1.28 5.82 23.11
C PHE A 174 -0.58 5.45 24.43
N GLY A 175 0.74 5.68 24.50
CA GLY A 175 1.51 5.44 25.73
C GLY A 175 1.72 3.99 26.13
N VAL A 176 1.58 3.07 25.17
CA VAL A 176 1.79 1.64 25.45
C VAL A 176 3.20 1.21 25.03
N ASN A 177 3.60 0.03 25.49
CA ASN A 177 4.90 -0.54 25.14
C ASN A 177 4.94 -1.03 23.70
N VAL A 178 5.94 -0.56 22.96
CA VAL A 178 6.08 -0.95 21.56
C VAL A 178 7.43 -1.62 21.32
N THR A 179 7.37 -2.84 20.84
CA THR A 179 8.54 -3.57 20.36
C THR A 179 8.34 -3.79 18.86
N LEU A 180 9.36 -3.45 18.09
CA LEU A 180 9.33 -3.70 16.65
C LEU A 180 10.38 -4.75 16.29
N LEU A 181 9.97 -5.70 15.46
CA LEU A 181 10.85 -6.78 15.03
C LEU A 181 11.11 -6.71 13.54
N GLU A 182 12.38 -6.60 13.18
CA GLU A 182 12.80 -6.60 11.78
C GLU A 182 13.77 -7.75 11.54
N ALA A 183 13.41 -8.63 10.60
CA ALA A 183 14.25 -9.80 10.28
C ALA A 183 15.51 -9.40 9.52
N LEU A 184 15.40 -8.38 8.68
CA LEU A 184 16.52 -7.87 7.88
C LEU A 184 17.47 -7.06 8.75
N PRO A 185 18.69 -6.78 8.26
CA PRO A 185 19.66 -6.04 9.09
C PRO A 185 19.23 -4.62 9.47
N ARG A 186 18.24 -4.09 8.75
CA ARG A 186 17.74 -2.74 9.01
C ARG A 186 16.27 -2.60 8.60
N VAL A 187 15.57 -1.65 9.22
CA VAL A 187 14.20 -1.32 8.80
C VAL A 187 14.24 -0.68 7.42
N LEU A 188 13.15 -0.85 6.67
CA LEU A 188 13.00 -0.27 5.33
C LEU A 188 13.99 -0.80 4.29
N ALA A 189 14.58 -1.96 4.58
CA ALA A 189 15.63 -2.52 3.73
C ALA A 189 15.20 -2.73 2.27
N ARG A 190 13.91 -3.01 2.07
CA ARG A 190 13.36 -3.27 0.73
C ARG A 190 12.92 -2.02 -0.01
N VAL A 191 12.97 -0.85 0.64
CA VAL A 191 12.36 0.36 0.10
C VAL A 191 13.19 1.65 0.19
N ALA A 192 14.30 1.60 0.93
CA ALA A 192 15.16 2.78 1.11
C ALA A 192 16.60 2.39 1.47
N GLY A 193 17.49 3.38 1.46
CA GLY A 193 18.91 3.16 1.73
C GLY A 193 19.23 3.24 3.22
N GLU A 194 20.49 2.97 3.57
CA GLU A 194 20.89 2.92 4.99
C GLU A 194 20.82 4.25 5.72
N ALA A 195 21.02 5.35 4.98
CA ALA A 195 20.86 6.69 5.57
C ALA A 195 19.46 6.88 6.17
N LEU A 196 18.42 6.52 5.42
CA LEU A 196 17.04 6.57 5.94
C LEU A 196 16.81 5.62 7.11
N SER A 197 17.27 4.38 6.94
CA SER A 197 17.14 3.36 7.99
C SER A 197 17.69 3.86 9.32
N GLU A 198 18.95 4.30 9.32
CA GLU A 198 19.61 4.81 10.53
C GLU A 198 18.78 5.93 11.17
N PHE A 199 18.34 6.87 10.34
CA PHE A 199 17.53 7.99 10.80
C PHE A 199 16.28 7.50 11.53
N TYR A 200 15.48 6.66 10.88
CA TYR A 200 14.22 6.18 11.46
C TYR A 200 14.43 5.26 12.66
N GLN A 201 15.45 4.41 12.62
CA GLN A 201 15.79 3.57 13.77
C GLN A 201 16.15 4.42 14.98
N ALA A 202 16.97 5.44 14.76
CA ALA A 202 17.37 6.39 15.83
C ALA A 202 16.16 7.15 16.35
N GLU A 203 15.30 7.59 15.43
CA GLU A 203 14.13 8.39 15.78
C GLU A 203 13.13 7.56 16.60
N HIS A 204 12.79 6.38 16.10
CA HIS A 204 11.87 5.48 16.80
C HIS A 204 12.37 5.10 18.20
N ARG A 205 13.66 4.77 18.32
CA ARG A 205 14.26 4.44 19.61
C ARG A 205 14.19 5.61 20.59
N ALA A 206 14.44 6.82 20.10
CA ALA A 206 14.32 8.04 20.90
C ALA A 206 12.88 8.27 21.38
N HIS A 207 11.92 7.63 20.71
CA HIS A 207 10.51 7.74 21.09
C HIS A 207 10.06 6.57 21.96
N GLY A 208 11.02 5.77 22.43
CA GLY A 208 10.72 4.67 23.33
C GLY A 208 10.45 3.31 22.70
N VAL A 209 10.56 3.20 21.38
CA VAL A 209 10.36 1.92 20.70
C VAL A 209 11.58 1.03 20.87
N ASP A 210 11.36 -0.17 21.41
CA ASP A 210 12.38 -1.21 21.44
C ASP A 210 12.48 -1.84 20.05
N LEU A 211 13.39 -1.31 19.23
CA LEU A 211 13.53 -1.73 17.84
C LEU A 211 14.65 -2.75 17.69
N ARG A 212 14.29 -3.93 17.19
CA ARG A 212 15.24 -5.05 17.09
C ARG A 212 15.39 -5.58 15.68
N THR A 213 16.56 -5.37 15.09
CA THR A 213 16.86 -5.86 13.75
C THR A 213 17.48 -7.25 13.82
N GLY A 214 17.48 -7.97 12.70
CA GLY A 214 17.93 -9.36 12.67
C GLY A 214 17.13 -10.23 13.61
N ALA A 215 15.92 -9.79 13.92
CA ALA A 215 15.03 -10.51 14.82
C ALA A 215 14.09 -11.40 14.04
N ALA A 216 14.35 -12.69 14.05
CA ALA A 216 13.58 -13.65 13.27
C ALA A 216 12.49 -14.29 14.12
N MET A 217 11.26 -14.20 13.63
CA MET A 217 10.10 -14.66 14.40
C MET A 217 9.53 -15.97 13.85
N ASP A 218 9.00 -16.80 14.75
CA ASP A 218 8.47 -18.11 14.40
C ASP A 218 6.96 -18.01 14.16
N CYS A 219 6.20 -17.83 15.22
CA CYS A 219 4.74 -17.73 15.13
C CYS A 219 4.12 -17.00 16.32
N ILE A 220 2.84 -16.69 16.21
CA ILE A 220 2.14 -15.91 17.22
C ILE A 220 1.36 -16.83 18.16
N GLU A 221 1.67 -16.74 19.45
CA GLU A 221 1.04 -17.57 20.47
C GLU A 221 -0.25 -16.96 21.01
N GLY A 222 -1.16 -17.83 21.43
CA GLY A 222 -2.43 -17.43 22.03
C GLY A 222 -2.87 -18.30 23.19
N ASP A 223 -4.05 -17.99 23.74
CA ASP A 223 -4.65 -18.78 24.81
C ASP A 223 -5.89 -19.51 24.29
N GLY A 224 -6.03 -19.60 22.97
CA GLY A 224 -7.20 -20.19 22.35
C GLY A 224 -8.21 -19.15 21.88
N THR A 225 -8.10 -17.93 22.42
CA THR A 225 -9.01 -16.84 22.08
C THR A 225 -8.24 -15.60 21.66
N LYS A 226 -7.23 -15.25 22.44
CA LYS A 226 -6.48 -14.00 22.26
C LYS A 226 -4.96 -14.22 22.24
N VAL A 227 -4.25 -13.31 21.59
CA VAL A 227 -2.78 -13.32 21.53
C VAL A 227 -2.17 -13.08 22.91
N THR A 228 -1.10 -13.82 23.21
CA THR A 228 -0.41 -13.70 24.49
C THR A 228 1.09 -13.45 24.28
N GLY A 229 1.60 -13.85 23.13
CA GLY A 229 3.01 -13.64 22.83
C GLY A 229 3.45 -13.91 21.40
N VAL A 230 4.71 -13.59 21.12
CA VAL A 230 5.32 -13.90 19.82
C VAL A 230 6.48 -14.86 20.05
N ARG A 231 6.29 -16.11 19.61
CA ARG A 231 7.33 -17.12 19.67
C ARG A 231 8.37 -16.80 18.61
N MET A 232 9.60 -16.56 19.07
CA MET A 232 10.71 -16.33 18.16
C MET A 232 11.29 -17.66 17.68
N GLN A 233 12.17 -17.61 16.70
CA GLN A 233 12.77 -18.84 16.18
C GLN A 233 13.97 -19.33 16.99
N ASP A 234 14.30 -18.63 18.07
CA ASP A 234 15.56 -18.85 18.78
C ASP A 234 15.59 -19.63 20.12
N GLY A 235 14.46 -20.09 20.68
CA GLY A 235 13.10 -19.73 20.36
C GLY A 235 12.45 -19.16 21.61
N SER A 236 12.84 -17.94 21.96
CA SER A 236 12.25 -17.21 23.08
C SER A 236 10.85 -16.70 22.76
N VAL A 237 10.14 -16.23 23.77
CA VAL A 237 8.81 -15.68 23.56
C VAL A 237 8.77 -14.25 24.07
N ILE A 238 8.26 -13.35 23.23
CA ILE A 238 8.02 -11.96 23.64
C ILE A 238 6.54 -11.82 23.97
N PRO A 239 6.22 -11.42 25.23
CA PRO A 239 4.83 -11.26 25.64
C PRO A 239 4.16 -10.11 24.90
N ALA A 240 2.92 -10.30 24.47
CA ALA A 240 2.19 -9.28 23.74
C ALA A 240 0.69 -9.42 23.92
N ASP A 241 0.00 -8.32 24.11
CA ASP A 241 -1.47 -8.31 24.06
C ASP A 241 -1.99 -7.68 22.76
N ILE A 242 -1.05 -7.15 21.97
CA ILE A 242 -1.31 -6.58 20.65
C ILE A 242 -0.19 -6.98 19.71
N VAL A 243 -0.55 -7.51 18.54
CA VAL A 243 0.45 -7.79 17.53
C VAL A 243 0.08 -7.12 16.22
N ILE A 244 1.01 -6.34 15.67
CA ILE A 244 0.82 -5.72 14.37
C ILE A 244 1.58 -6.53 13.32
N VAL A 245 0.85 -7.03 12.33
CA VAL A 245 1.43 -7.77 11.22
C VAL A 245 1.65 -6.79 10.05
N GLY A 246 2.91 -6.42 9.86
CA GLY A 246 3.29 -5.48 8.80
C GLY A 246 4.33 -6.06 7.86
N ILE A 247 4.03 -7.23 7.30
CA ILE A 247 4.91 -7.88 6.33
C ILE A 247 4.22 -7.98 4.98
N GLY A 248 4.91 -8.51 3.97
CA GLY A 248 4.37 -8.62 2.62
C GLY A 248 2.96 -9.22 2.56
N ILE A 249 2.08 -8.58 1.82
CA ILE A 249 0.73 -9.10 1.65
C ILE A 249 0.65 -10.05 0.46
N VAL A 250 -0.44 -10.83 0.44
CA VAL A 250 -0.66 -11.82 -0.59
C VAL A 250 -1.79 -11.33 -1.49
N PRO A 251 -1.49 -11.04 -2.77
CA PRO A 251 -2.48 -10.53 -3.73
C PRO A 251 -3.74 -11.39 -3.76
N CYS A 252 -4.90 -10.75 -3.65
CA CYS A 252 -6.18 -11.43 -3.67
C CYS A 252 -6.55 -11.79 -5.10
N VAL A 253 -5.81 -12.75 -5.63
CA VAL A 253 -5.79 -13.01 -7.06
C VAL A 253 -6.23 -14.45 -7.42
N GLY A 254 -6.48 -15.26 -6.40
CA GLY A 254 -6.82 -16.69 -6.56
C GLY A 254 -7.80 -17.06 -7.66
N ALA A 255 -8.92 -16.34 -7.72
CA ALA A 255 -9.95 -16.60 -8.72
C ALA A 255 -9.47 -16.31 -10.14
N LEU A 256 -8.56 -15.35 -10.29
CA LEU A 256 -7.99 -15.05 -11.61
C LEU A 256 -7.07 -16.17 -12.09
N ILE A 257 -6.17 -16.62 -11.21
CA ILE A 257 -5.25 -17.72 -11.51
C ILE A 257 -6.04 -19.00 -11.84
N SER A 258 -7.01 -19.32 -10.99
CA SER A 258 -7.92 -20.46 -11.22
C SER A 258 -8.61 -20.40 -12.56
N ALA A 259 -8.93 -19.19 -13.01
CA ALA A 259 -9.62 -18.99 -14.29
C ALA A 259 -8.67 -19.01 -15.49
N GLY A 260 -7.37 -19.08 -15.22
CA GLY A 260 -6.35 -19.21 -16.27
C GLY A 260 -5.50 -17.99 -16.52
N ALA A 261 -5.68 -16.95 -15.71
CA ALA A 261 -4.88 -15.73 -15.84
C ALA A 261 -3.42 -16.01 -15.53
N SER A 262 -2.53 -15.45 -16.34
CA SER A 262 -1.11 -15.64 -16.13
C SER A 262 -0.57 -14.65 -15.11
N GLY A 263 0.49 -15.04 -14.40
CA GLY A 263 1.13 -14.17 -13.43
C GLY A 263 1.70 -14.92 -12.25
N GLY A 264 3.00 -14.74 -12.01
CA GLY A 264 3.66 -15.31 -10.86
C GLY A 264 3.47 -14.51 -9.58
N ASN A 265 3.57 -13.19 -9.68
CA ASN A 265 3.44 -12.30 -8.53
C ASN A 265 2.18 -11.45 -8.63
N GLY A 266 1.08 -11.93 -8.06
CA GLY A 266 -0.23 -11.36 -8.31
C GLY A 266 -0.68 -11.73 -9.71
N VAL A 267 -1.22 -10.78 -10.46
CA VAL A 267 -1.66 -11.01 -11.83
C VAL A 267 -1.00 -10.04 -12.80
N ASP A 268 -0.52 -10.57 -13.92
CA ASP A 268 0.15 -9.76 -14.94
C ASP A 268 -0.83 -8.93 -15.75
N VAL A 269 -0.44 -7.68 -16.02
CA VAL A 269 -1.22 -6.80 -16.88
C VAL A 269 -0.31 -6.01 -17.81
N ASP A 270 -0.84 -5.60 -18.96
CA ASP A 270 -0.10 -4.74 -19.88
C ASP A 270 -0.25 -3.26 -19.49
N GLU A 271 0.20 -2.36 -20.37
CA GLU A 271 0.17 -0.92 -20.09
C GLU A 271 -1.24 -0.33 -20.09
N PHE A 272 -2.22 -1.15 -20.47
CA PHE A 272 -3.61 -0.72 -20.41
C PHE A 272 -4.35 -1.45 -19.28
N CYS A 273 -3.58 -2.13 -18.44
CA CYS A 273 -4.07 -2.89 -17.28
C CYS A 273 -4.91 -4.11 -17.64
N ARG A 274 -4.74 -4.62 -18.86
CA ARG A 274 -5.42 -5.85 -19.26
C ARG A 274 -4.64 -7.09 -18.84
N THR A 275 -5.36 -8.03 -18.25
CA THR A 275 -4.84 -9.35 -17.92
C THR A 275 -4.78 -10.20 -19.18
N SER A 276 -4.39 -11.47 -19.03
CA SER A 276 -4.35 -12.39 -20.16
C SER A 276 -5.74 -12.91 -20.53
N LEU A 277 -6.72 -12.68 -19.65
CA LEU A 277 -8.11 -13.05 -19.92
C LEU A 277 -8.84 -11.90 -20.60
N THR A 278 -9.56 -12.22 -21.68
CA THR A 278 -10.31 -11.25 -22.48
C THR A 278 -11.29 -10.46 -21.62
N ASP A 279 -11.27 -9.14 -21.78
CA ASP A 279 -12.24 -8.24 -21.14
C ASP A 279 -12.09 -8.11 -19.62
N VAL A 280 -11.02 -8.65 -19.06
CA VAL A 280 -10.77 -8.44 -17.63
C VAL A 280 -9.46 -7.72 -17.34
N TYR A 281 -9.62 -6.63 -16.57
CA TYR A 281 -8.52 -5.79 -16.14
C TYR A 281 -8.16 -6.12 -14.70
N ALA A 282 -6.95 -5.73 -14.31
CA ALA A 282 -6.55 -5.76 -12.91
C ALA A 282 -5.75 -4.50 -12.60
N ILE A 283 -5.99 -3.93 -11.42
CA ILE A 283 -5.38 -2.66 -11.02
C ILE A 283 -5.07 -2.66 -9.53
N GLY A 284 -4.14 -1.79 -9.12
CA GLY A 284 -3.78 -1.64 -7.71
C GLY A 284 -2.79 -2.68 -7.22
N ASP A 285 -2.85 -2.96 -5.92
CA ASP A 285 -1.89 -3.85 -5.24
C ASP A 285 -1.75 -5.25 -5.86
N CYS A 286 -2.81 -5.74 -6.48
CA CYS A 286 -2.84 -7.12 -6.97
C CYS A 286 -2.23 -7.32 -8.36
N ALA A 287 -1.92 -6.23 -9.05
CA ALA A 287 -1.52 -6.30 -10.46
C ALA A 287 -0.06 -5.97 -10.70
N ALA A 288 0.68 -6.93 -11.26
CA ALA A 288 2.07 -6.74 -11.65
C ALA A 288 2.13 -6.14 -13.06
N HIS A 289 3.08 -5.21 -13.25
CA HIS A 289 3.17 -4.45 -14.50
C HIS A 289 4.63 -4.06 -14.80
N ALA A 290 5.00 -4.08 -16.08
CA ALA A 290 6.30 -3.58 -16.51
C ALA A 290 6.40 -2.08 -16.26
N ASN A 291 7.50 -1.66 -15.62
CA ASN A 291 7.68 -0.27 -15.23
C ASN A 291 8.97 0.33 -15.77
N ASP A 292 8.83 1.44 -16.49
CA ASP A 292 9.97 2.17 -17.05
C ASP A 292 10.98 2.60 -15.98
N PHE A 293 10.47 3.03 -14.83
CA PHE A 293 11.31 3.43 -13.70
C PHE A 293 11.91 2.24 -12.93
N ALA A 294 11.66 1.03 -13.43
CA ALA A 294 12.30 -0.18 -12.93
C ALA A 294 12.96 -0.91 -14.10
N ASP A 295 13.44 -0.13 -15.07
CA ASP A 295 14.18 -0.63 -16.22
C ASP A 295 13.48 -1.77 -16.98
N GLY A 296 12.15 -1.74 -17.01
CA GLY A 296 11.36 -2.71 -17.77
C GLY A 296 10.86 -3.92 -17.00
N ALA A 297 11.43 -4.14 -15.82
CA ALA A 297 11.06 -5.28 -14.97
C ALA A 297 9.58 -5.20 -14.56
N VAL A 298 8.93 -6.36 -14.54
CA VAL A 298 7.54 -6.45 -14.12
C VAL A 298 7.49 -6.48 -12.59
N ILE A 299 7.00 -5.39 -12.02
CA ILE A 299 6.92 -5.23 -10.57
C ILE A 299 5.46 -5.04 -10.14
N ARG A 300 5.23 -5.13 -8.84
CA ARG A 300 3.91 -4.93 -8.28
C ARG A 300 4.00 -3.84 -7.21
N LEU A 301 3.73 -2.61 -7.60
CA LEU A 301 3.73 -1.49 -6.68
C LEU A 301 2.52 -1.51 -5.76
N GLU A 302 2.75 -1.19 -4.49
CA GLU A 302 1.67 -1.09 -3.50
C GLU A 302 1.56 0.33 -2.95
N SER A 303 0.93 1.21 -3.74
CA SER A 303 0.72 2.59 -3.33
C SER A 303 -0.60 3.17 -3.87
N VAL A 304 -1.05 4.25 -3.24
CA VAL A 304 -2.23 4.96 -3.69
C VAL A 304 -2.01 5.52 -5.10
N GLN A 305 -0.84 6.10 -5.35
CA GLN A 305 -0.51 6.65 -6.67
C GLN A 305 -0.73 5.59 -7.75
N ASN A 306 -0.16 4.40 -7.51
CA ASN A 306 -0.27 3.28 -8.44
C ASN A 306 -1.71 2.81 -8.66
N ALA A 307 -2.49 2.72 -7.59
CA ALA A 307 -3.91 2.36 -7.69
C ALA A 307 -4.68 3.40 -8.51
N ASN A 308 -4.52 4.68 -8.15
CA ASN A 308 -5.12 5.79 -8.89
C ASN A 308 -4.82 5.74 -10.39
N ASP A 309 -3.54 5.58 -10.72
CA ASP A 309 -3.09 5.67 -12.10
C ASP A 309 -3.48 4.47 -12.95
N MET A 310 -3.48 3.28 -12.34
CA MET A 310 -3.95 2.07 -13.02
C MET A 310 -5.46 2.11 -13.24
N ALA A 311 -6.18 2.65 -12.25
CA ALA A 311 -7.63 2.85 -12.37
C ALA A 311 -7.95 3.74 -13.57
N THR A 312 -7.17 4.81 -13.72
CA THR A 312 -7.33 5.73 -14.84
C THR A 312 -7.15 5.03 -16.18
N ALA A 313 -6.05 4.28 -16.32
CA ALA A 313 -5.70 3.60 -17.57
C ALA A 313 -6.71 2.53 -18.00
N ALA A 314 -7.23 1.78 -17.02
CA ALA A 314 -8.24 0.76 -17.29
C ALA A 314 -9.52 1.42 -17.80
N ALA A 315 -9.91 2.51 -17.15
CA ALA A 315 -11.11 3.25 -17.51
C ALA A 315 -10.99 3.89 -18.90
N LYS A 316 -9.88 4.59 -19.15
CA LYS A 316 -9.67 5.25 -20.44
C LYS A 316 -9.76 4.25 -21.60
N ASP A 317 -9.15 3.07 -21.40
CA ASP A 317 -9.23 2.00 -22.38
C ASP A 317 -10.66 1.50 -22.57
N ILE A 318 -11.38 1.31 -21.46
CA ILE A 318 -12.80 0.92 -21.49
C ILE A 318 -13.67 1.96 -22.21
N CYS A 319 -13.28 3.24 -22.12
CA CYS A 319 -14.03 4.31 -22.79
C CYS A 319 -13.64 4.50 -24.25
N GLY A 320 -12.61 3.78 -24.69
CA GLY A 320 -12.17 3.87 -26.07
C GLY A 320 -11.19 4.99 -26.37
N ALA A 321 -10.63 5.59 -25.31
CA ALA A 321 -9.57 6.59 -25.46
C ALA A 321 -8.34 6.22 -24.64
N PRO A 322 -7.70 5.07 -24.97
CA PRO A 322 -6.61 4.55 -24.16
C PRO A 322 -5.40 5.49 -24.08
N VAL A 323 -4.88 5.64 -22.87
CA VAL A 323 -3.63 6.34 -22.62
C VAL A 323 -2.82 5.48 -21.66
N PRO A 324 -1.62 5.03 -22.11
CA PRO A 324 -0.78 4.10 -21.34
C PRO A 324 -0.45 4.58 -19.92
N TYR A 325 -0.34 3.63 -18.99
CA TYR A 325 0.12 3.90 -17.63
C TYR A 325 1.65 4.12 -17.63
N LYS A 326 2.05 5.39 -17.65
CA LYS A 326 3.47 5.79 -17.71
C LYS A 326 3.84 6.77 -16.59
N ALA A 327 2.98 6.92 -15.59
CA ALA A 327 3.17 7.90 -14.52
C ALA A 327 4.39 7.61 -13.63
N THR A 328 4.96 8.67 -13.07
CA THR A 328 6.14 8.55 -12.20
C THR A 328 5.71 8.06 -10.82
N PRO A 329 6.35 7.00 -10.31
CA PRO A 329 5.95 6.45 -9.02
C PRO A 329 6.25 7.41 -7.88
N TRP A 330 5.31 7.54 -6.95
CA TRP A 330 5.56 8.30 -5.72
C TRP A 330 4.84 7.72 -4.50
N PHE A 331 5.30 8.11 -3.31
CA PHE A 331 4.87 7.51 -2.04
C PHE A 331 5.09 8.49 -0.90
N TRP A 332 4.42 8.24 0.22
CA TRP A 332 4.66 9.03 1.44
C TRP A 332 4.47 8.22 2.70
N SER A 333 5.12 8.67 3.77
CA SER A 333 4.94 8.08 5.09
C SER A 333 4.99 9.15 6.17
N ASN A 334 4.00 9.11 7.05
CA ASN A 334 3.94 10.03 8.19
C ASN A 334 4.06 9.27 9.50
N GLN A 335 5.16 9.54 10.19
CA GLN A 335 5.49 8.92 11.47
C GLN A 335 5.95 10.03 12.40
N TYR A 336 5.33 10.13 13.57
CA TYR A 336 5.59 11.23 14.49
C TYR A 336 5.41 12.56 13.76
N ASP A 337 6.42 13.43 13.87
CA ASP A 337 6.44 14.70 13.16
C ASP A 337 7.35 14.61 11.93
N LEU A 338 7.54 13.39 11.43
CA LEU A 338 8.39 13.15 10.27
C LEU A 338 7.55 12.84 9.05
N LYS A 339 7.61 13.74 8.08
CA LYS A 339 6.79 13.66 6.89
C LYS A 339 7.64 13.31 5.66
N LEU A 340 7.69 12.02 5.36
CA LEU A 340 8.47 11.49 4.24
C LEU A 340 7.69 11.59 2.95
N GLN A 341 8.36 12.05 1.90
CA GLN A 341 7.81 12.05 0.56
C GLN A 341 8.84 11.45 -0.37
N THR A 342 8.42 10.43 -1.11
CA THR A 342 9.31 9.69 -2.00
C THR A 342 8.83 9.77 -3.43
N VAL A 343 9.79 9.87 -4.35
CA VAL A 343 9.51 9.89 -5.78
C VAL A 343 10.54 9.01 -6.50
N GLY A 344 10.07 8.24 -7.49
CA GLY A 344 10.91 7.29 -8.19
C GLY A 344 11.12 6.04 -7.37
N LEU A 345 11.88 5.10 -7.93
CA LEU A 345 12.14 3.81 -7.28
C LEU A 345 13.64 3.64 -7.04
N SER A 346 14.02 3.52 -5.77
CA SER A 346 15.42 3.44 -5.40
C SER A 346 16.03 2.06 -5.61
N THR A 347 15.17 1.03 -5.70
CA THR A 347 15.60 -0.36 -5.86
C THR A 347 16.65 -0.49 -6.95
N GLY A 348 17.80 -1.07 -6.59
CA GLY A 348 18.87 -1.30 -7.55
C GLY A 348 19.79 -0.11 -7.75
N HIS A 349 19.70 0.87 -6.86
CA HIS A 349 20.58 2.04 -6.92
C HIS A 349 21.99 1.61 -6.55
N ASP A 350 22.99 2.28 -7.12
CA ASP A 350 24.38 1.99 -6.80
C ASP A 350 25.03 3.13 -6.01
N ASN A 351 24.31 4.24 -5.85
CA ASN A 351 24.81 5.38 -5.09
C ASN A 351 23.69 6.15 -4.41
N ALA A 352 23.86 6.44 -3.12
CA ALA A 352 22.85 7.17 -2.34
C ALA A 352 23.48 8.41 -1.71
N VAL A 353 23.17 9.56 -2.28
CA VAL A 353 23.79 10.82 -1.87
C VAL A 353 22.95 11.54 -0.83
N LEU A 354 23.53 11.77 0.34
CA LEU A 354 22.85 12.47 1.44
C LEU A 354 22.83 13.96 1.10
N ARG A 355 21.65 14.56 1.20
CA ARG A 355 21.46 15.97 0.84
C ARG A 355 20.88 16.74 2.03
N GLY A 356 21.76 17.35 2.80
CA GLY A 356 21.39 17.99 4.04
C GLY A 356 21.85 17.18 5.23
N ASP A 357 21.34 17.55 6.40
CA ASP A 357 21.83 17.01 7.66
C ASP A 357 20.69 16.32 8.39
N PRO A 358 20.78 14.98 8.53
CA PRO A 358 19.74 14.19 9.20
C PRO A 358 19.46 14.66 10.63
N ALA A 359 20.45 15.27 11.28
CA ALA A 359 20.31 15.79 12.65
C ALA A 359 19.28 16.91 12.76
N THR A 360 19.08 17.64 11.67
CA THR A 360 18.07 18.70 11.66
C THR A 360 16.68 18.13 11.42
N ARG A 361 16.64 16.83 11.14
CA ARG A 361 15.39 16.10 10.90
C ARG A 361 14.65 16.62 9.68
N SER A 362 15.41 17.24 8.77
CA SER A 362 14.91 17.72 7.49
C SER A 362 16.04 17.60 6.47
N PHE A 363 15.89 16.64 5.56
CA PHE A 363 16.96 16.30 4.63
C PHE A 363 16.41 15.45 3.49
N SER A 364 17.28 15.15 2.52
CA SER A 364 16.93 14.26 1.43
C SER A 364 18.05 13.29 1.12
N VAL A 365 17.68 12.15 0.56
CA VAL A 365 18.64 11.24 -0.04
C VAL A 365 18.31 11.17 -1.53
N VAL A 366 19.30 11.45 -2.37
CA VAL A 366 19.15 11.35 -3.82
C VAL A 366 19.84 10.07 -4.27
N TYR A 367 19.05 9.19 -4.87
CA TYR A 367 19.55 7.88 -5.30
C TYR A 367 19.92 7.91 -6.77
N LEU A 368 21.07 7.31 -7.09
CA LEU A 368 21.52 7.22 -8.46
C LEU A 368 21.81 5.79 -8.87
N LYS A 369 21.72 5.54 -10.16
CA LYS A 369 22.14 4.28 -10.75
C LYS A 369 22.83 4.61 -12.06
N GLY A 370 24.08 4.18 -12.17
CA GLY A 370 24.90 4.45 -13.35
C GLY A 370 24.98 5.94 -13.66
N GLY A 371 25.15 6.74 -12.61
CA GLY A 371 25.29 8.19 -12.76
C GLY A 371 24.00 8.96 -12.97
N LYS A 372 22.88 8.25 -13.07
CA LYS A 372 21.57 8.89 -13.27
C LYS A 372 20.70 8.87 -12.02
N VAL A 373 20.02 9.99 -11.77
CA VAL A 373 19.07 10.09 -10.66
C VAL A 373 17.84 9.20 -10.91
N VAL A 374 17.58 8.27 -9.98
CA VAL A 374 16.43 7.36 -10.11
C VAL A 374 15.36 7.57 -9.04
N ALA A 375 15.74 8.11 -7.90
CA ALA A 375 14.79 8.31 -6.79
C ALA A 375 15.25 9.36 -5.79
N LEU A 376 14.30 9.82 -4.98
CA LEU A 376 14.53 10.76 -3.88
C LEU A 376 13.70 10.29 -2.67
N ASP A 377 14.31 10.31 -1.49
CA ASP A 377 13.58 10.20 -0.22
C ASP A 377 13.68 11.55 0.49
N CYS A 378 12.54 12.17 0.76
CA CYS A 378 12.54 13.51 1.32
C CYS A 378 11.83 13.61 2.67
N VAL A 379 12.62 13.72 3.73
CA VAL A 379 12.07 13.91 5.07
C VAL A 379 11.95 15.41 5.29
N ASN A 380 10.72 15.86 5.51
CA ASN A 380 10.41 17.28 5.74
C ASN A 380 11.15 18.21 4.78
N MET A 381 11.08 17.87 3.50
CA MET A 381 11.87 18.53 2.47
C MET A 381 11.07 18.59 1.16
N VAL A 382 9.89 19.20 1.22
CA VAL A 382 8.95 19.22 0.11
C VAL A 382 9.51 19.86 -1.17
N LYS A 383 10.37 20.86 -1.01
CA LYS A 383 11.04 21.50 -2.14
C LYS A 383 11.87 20.50 -2.94
N ASP A 384 12.64 19.67 -2.23
CA ASP A 384 13.44 18.62 -2.86
C ASP A 384 12.57 17.58 -3.54
N TYR A 385 11.47 17.22 -2.88
CA TYR A 385 10.50 16.27 -3.41
C TYR A 385 9.87 16.77 -4.73
N VAL A 386 9.30 17.97 -4.69
CA VAL A 386 8.68 18.60 -5.87
C VAL A 386 9.66 18.76 -7.04
N GLN A 387 10.84 19.32 -6.78
CA GLN A 387 11.84 19.55 -7.82
C GLN A 387 12.51 18.25 -8.25
N GLY A 388 12.67 17.33 -7.30
CA GLY A 388 13.31 16.04 -7.54
C GLY A 388 12.60 15.21 -8.58
N LYS A 389 11.27 15.33 -8.64
CA LYS A 389 10.45 14.64 -9.64
C LYS A 389 10.97 14.89 -11.05
N LYS A 390 11.30 16.14 -11.34
CA LYS A 390 11.82 16.54 -12.63
C LYS A 390 13.14 15.81 -12.94
N LEU A 391 14.01 15.71 -11.93
CA LEU A 391 15.28 15.02 -12.05
C LEU A 391 15.10 13.52 -12.29
N VAL A 392 14.15 12.93 -11.55
CA VAL A 392 13.81 11.52 -11.70
C VAL A 392 13.30 11.24 -13.11
N GLU A 393 12.44 12.12 -13.61
CA GLU A 393 11.87 11.99 -14.95
C GLU A 393 12.90 12.21 -16.05
N ALA A 394 13.85 13.11 -15.77
CA ALA A 394 14.94 13.40 -16.71
C ALA A 394 16.02 12.33 -16.69
N ARG A 395 15.97 11.42 -15.72
CA ARG A 395 17.09 10.50 -15.45
C ARG A 395 18.39 11.32 -15.42
N ALA A 396 18.33 12.47 -14.74
CA ALA A 396 19.38 13.47 -14.80
C ALA A 396 20.75 12.94 -14.41
N GLN A 397 21.75 13.30 -15.20
CA GLN A 397 23.13 12.97 -14.89
C GLN A 397 23.79 14.16 -14.23
N ILE A 398 23.75 14.16 -12.91
CA ILE A 398 24.31 15.23 -12.09
C ILE A 398 25.30 14.58 -11.14
N ALA A 399 26.45 15.24 -10.98
CA ALA A 399 27.48 14.80 -10.06
C ALA A 399 26.94 14.74 -8.64
N PRO A 400 27.27 13.67 -7.89
CA PRO A 400 26.92 13.60 -6.48
C PRO A 400 27.40 14.83 -5.70
N GLU A 401 28.59 15.33 -6.04
CA GLU A 401 29.18 16.50 -5.39
C GLU A 401 28.29 17.74 -5.57
N GLN A 402 27.59 17.80 -6.70
CA GLN A 402 26.60 18.85 -6.97
C GLN A 402 25.33 18.61 -6.17
N LEU A 403 24.79 17.39 -6.25
CA LEU A 403 23.54 17.03 -5.55
C LEU A 403 23.60 17.24 -4.03
N ALA A 404 24.76 16.88 -3.44
CA ALA A 404 24.95 16.91 -1.98
C ALA A 404 24.89 18.30 -1.38
N ASP A 405 25.09 19.33 -2.21
CA ASP A 405 25.02 20.71 -1.75
C ASP A 405 23.59 21.19 -1.59
N ALA A 406 23.08 21.09 -0.37
CA ALA A 406 21.73 21.49 -0.03
C ALA A 406 21.47 22.98 -0.33
N GLY A 407 22.53 23.76 -0.34
CA GLY A 407 22.43 25.20 -0.61
C GLY A 407 22.07 25.56 -2.04
N VAL A 408 22.05 24.57 -2.92
CA VAL A 408 21.67 24.78 -4.31
C VAL A 408 20.38 24.01 -4.61
N PRO A 409 19.33 24.72 -5.09
CA PRO A 409 18.07 24.05 -5.44
C PRO A 409 18.27 23.04 -6.57
N LEU A 410 17.64 21.89 -6.44
CA LEU A 410 17.80 20.80 -7.41
C LEU A 410 17.42 21.20 -8.83
N LYS A 411 16.41 22.07 -8.96
CA LYS A 411 15.94 22.50 -10.28
C LYS A 411 16.99 23.26 -11.08
N GLU A 412 17.93 23.89 -10.40
CA GLU A 412 19.04 24.60 -11.04
C GLU A 412 20.06 23.65 -11.66
N MET A 413 20.06 22.40 -11.22
CA MET A 413 21.10 21.45 -11.62
C MET A 413 20.87 20.79 -12.97
N LEU A 414 19.64 20.83 -13.47
CA LEU A 414 19.33 20.11 -14.71
C LEU A 414 19.58 20.95 -15.98
N ALA A 415 20.14 20.27 -16.99
CA ALA A 415 20.60 20.89 -18.22
C ALA A 415 19.52 21.69 -18.94
#